data_5L7W
#
_entry.id   5L7W
#
_cell.length_a   91.019
_cell.length_b   91.019
_cell.length_c   132.197
_cell.angle_alpha   90.00
_cell.angle_beta   90.00
_cell.angle_gamma   90.00
#
_symmetry.space_group_name_H-M   'I 4 2 2'
#
loop_
_entity.id
_entity.type
_entity.pdbx_description
1 polymer '17-beta-hydroxysteroid dehydrogenase 14'
2 non-polymer NICOTINAMIDE-ADENINE-DINUCLEOTIDE
3 non-polymer 'SODIUM ION'
4 non-polymer [4-fluoranyl-2,3-bis(oxidanyl)phenyl]-[6-(2-fluoranyl-3-oxidanyl-phenyl)pyridin-2-yl]methanone
5 non-polymer beta-D-glucopyranose
6 water water
#
_entity_poly.entity_id   1
_entity_poly.type   'polypeptide(L)'
_entity_poly.pdbx_seq_one_letter_code
;GHMATGTRYAGKVVVVTGGGRGIGAGIVRAFVNSGARVVICDKDESGGRALEQELPGAVFILCDVTQEDDVKTLVSETIR
RFGRLDCVVNNAGHHPPPQRPEETSAQGFRQLLELNLLGTYTLTKLALPYLRKSQGNVINISSLVGAIGQAQAVPYVATK
GAVTAMTKALALDESPYGVRVNCISPGNIWTPLWEELAALMPDPRATIREGMLAQPLGRMGQPAEVGAAAVFLASEANFC
TGIELLVTGGAELGYGCKASRSTPVDAPDIPSGS
;
_entity_poly.pdbx_strand_id   A
#
# COMPACT_ATOMS: atom_id res chain seq x y z
N GLY A 6 -6.90 -5.45 -21.19
CA GLY A 6 -6.97 -6.50 -20.19
C GLY A 6 -8.40 -6.74 -19.76
N THR A 7 -8.72 -7.98 -19.39
CA THR A 7 -10.06 -8.31 -18.94
C THR A 7 -10.05 -9.04 -17.59
N ARG A 8 -8.89 -9.24 -16.98
CA ARG A 8 -8.80 -9.97 -15.73
C ARG A 8 -9.67 -9.37 -14.64
N TYR A 9 -9.84 -8.05 -14.65
CA TYR A 9 -10.62 -7.42 -13.60
C TYR A 9 -11.58 -6.40 -14.22
N ALA A 10 -12.10 -6.78 -15.38
CA ALA A 10 -13.04 -5.96 -16.13
C ALA A 10 -14.35 -5.78 -15.37
N GLY A 11 -14.89 -4.58 -15.45
CA GLY A 11 -16.13 -4.20 -14.81
C GLY A 11 -16.01 -3.93 -13.33
N LYS A 12 -14.79 -4.03 -12.78
CA LYS A 12 -14.56 -3.85 -11.35
C LYS A 12 -14.11 -2.41 -11.07
N VAL A 13 -14.36 -1.96 -9.84
CA VAL A 13 -14.02 -0.62 -9.37
C VAL A 13 -13.07 -0.74 -8.21
N VAL A 14 -11.93 -0.06 -8.30
CA VAL A 14 -10.85 -0.17 -7.33
C VAL A 14 -10.52 1.22 -6.81
N VAL A 15 -10.28 1.32 -5.50
CA VAL A 15 -9.73 2.52 -4.88
C VAL A 15 -8.30 2.23 -4.44
N VAL A 16 -7.36 3.08 -4.84
CA VAL A 16 -5.96 2.99 -4.43
C VAL A 16 -5.61 4.28 -3.68
N THR A 17 -5.28 4.15 -2.39
CA THR A 17 -4.86 5.32 -1.63
C THR A 17 -3.37 5.56 -1.85
N GLY A 18 -2.98 6.82 -1.70
CA GLY A 18 -1.64 7.22 -2.08
C GLY A 18 -1.28 6.82 -3.48
N GLY A 19 -2.24 6.90 -4.41
CA GLY A 19 -1.99 6.39 -5.75
C GLY A 19 -1.32 7.35 -6.69
N GLY A 20 -0.87 8.51 -6.19
CA GLY A 20 -0.38 9.54 -7.08
C GLY A 20 1.04 9.38 -7.53
N ARG A 21 1.83 8.55 -6.84
CA ARG A 21 3.19 8.28 -7.24
C ARG A 21 3.65 6.96 -6.62
N GLY A 22 4.85 6.54 -6.99
CA GLY A 22 5.48 5.44 -6.27
C GLY A 22 4.72 4.15 -6.47
N ILE A 23 4.69 3.35 -5.41
CA ILE A 23 4.01 2.06 -5.46
C ILE A 23 2.54 2.24 -5.83
N GLY A 24 1.88 3.24 -5.23
CA GLY A 24 0.46 3.43 -5.46
C GLY A 24 0.16 3.69 -6.93
N ALA A 25 1.00 4.51 -7.58
CA ALA A 25 0.81 4.75 -9.00
C ALA A 25 1.02 3.47 -9.81
N GLY A 26 1.97 2.62 -9.41
CA GLY A 26 2.14 1.35 -10.12
C GLY A 26 0.94 0.43 -9.96
N ILE A 27 0.34 0.44 -8.78
CA ILE A 27 -0.88 -0.34 -8.54
C ILE A 27 -2.02 0.20 -9.39
N VAL A 28 -2.16 1.52 -9.44
CA VAL A 28 -3.19 2.13 -10.28
C VAL A 28 -3.04 1.67 -11.72
N ARG A 29 -1.82 1.78 -12.26
CA ARG A 29 -1.59 1.36 -13.64
C ARG A 29 -1.90 -0.11 -13.86
N ALA A 30 -1.50 -0.98 -12.90
CA ALA A 30 -1.74 -2.40 -13.06
C ALA A 30 -3.24 -2.72 -13.10
N PHE A 31 -4.04 -2.04 -12.29
CA PHE A 31 -5.48 -2.29 -12.30
C PHE A 31 -6.14 -1.71 -13.55
N VAL A 32 -5.74 -0.52 -13.99
CA VAL A 32 -6.29 -0.03 -15.26
C VAL A 32 -5.97 -1.00 -16.39
N ASN A 33 -4.73 -1.53 -16.42
CA ASN A 33 -4.31 -2.46 -17.48
C ASN A 33 -5.08 -3.77 -17.40
N SER A 34 -5.65 -4.10 -16.25
N SER A 34 -5.64 -4.09 -16.23
CA SER A 34 -6.46 -5.29 -16.08
CA SER A 34 -6.46 -5.28 -16.04
C SER A 34 -7.94 -5.07 -16.37
C SER A 34 -7.91 -5.08 -16.43
N GLY A 35 -8.33 -3.85 -16.74
CA GLY A 35 -9.70 -3.57 -17.15
C GLY A 35 -10.56 -2.89 -16.12
N ALA A 36 -10.01 -2.62 -14.92
CA ALA A 36 -10.75 -1.99 -13.85
C ALA A 36 -10.85 -0.49 -14.05
N ARG A 37 -11.87 0.09 -13.45
CA ARG A 37 -11.91 1.53 -13.23
C ARG A 37 -11.29 1.81 -11.88
N VAL A 38 -10.47 2.87 -11.82
CA VAL A 38 -9.67 3.12 -10.61
C VAL A 38 -9.88 4.53 -10.11
N VAL A 39 -10.08 4.64 -8.79
CA VAL A 39 -10.13 5.92 -8.11
C VAL A 39 -8.79 6.14 -7.43
N ILE A 40 -8.11 7.20 -7.84
CA ILE A 40 -6.82 7.53 -7.28
C ILE A 40 -7.08 8.47 -6.13
N CYS A 41 -6.77 8.02 -4.90
CA CYS A 41 -6.86 8.88 -3.72
C CYS A 41 -5.47 9.34 -3.37
N ASP A 42 -5.31 10.64 -3.17
CA ASP A 42 -4.02 11.13 -2.67
C ASP A 42 -4.25 12.45 -1.95
N LYS A 43 -3.35 12.75 -1.00
CA LYS A 43 -3.43 14.03 -0.33
C LYS A 43 -2.79 15.15 -1.14
N ASP A 44 -2.02 14.79 -2.16
N ASP A 44 -1.98 14.82 -2.13
CA ASP A 44 -1.32 15.72 -3.04
CA ASP A 44 -1.38 15.82 -2.99
C ASP A 44 -1.91 15.64 -4.44
C ASP A 44 -1.92 15.67 -4.41
N GLU A 45 -2.13 16.80 -5.08
CA GLU A 45 -2.79 16.80 -6.38
C GLU A 45 -1.84 16.49 -7.53
N SER A 46 -0.56 16.86 -7.39
CA SER A 46 0.33 16.92 -8.53
C SER A 46 0.33 15.60 -9.31
N GLY A 47 0.74 14.51 -8.66
CA GLY A 47 0.89 13.24 -9.36
C GLY A 47 -0.45 12.66 -9.77
N GLY A 48 -1.40 12.61 -8.84
CA GLY A 48 -2.66 11.95 -9.11
C GLY A 48 -3.46 12.61 -10.21
N ARG A 49 -3.40 13.94 -10.28
CA ARG A 49 -4.15 14.66 -11.30
C ARG A 49 -3.60 14.35 -12.69
N ALA A 50 -2.27 14.32 -12.79
CA ALA A 50 -1.64 13.99 -14.07
C ALA A 50 -1.95 12.57 -14.46
N LEU A 51 -1.97 11.66 -13.48
CA LEU A 51 -2.28 10.27 -13.73
C LEU A 51 -3.72 10.12 -14.22
N GLU A 52 -4.63 10.94 -13.71
N GLU A 52 -4.66 10.90 -13.69
CA GLU A 52 -6.03 10.92 -14.15
CA GLU A 52 -6.03 10.84 -14.22
C GLU A 52 -6.16 11.34 -15.60
C GLU A 52 -6.05 11.22 -15.68
N GLN A 53 -5.37 12.33 -16.02
CA GLN A 53 -5.37 12.75 -17.41
C GLN A 53 -4.74 11.68 -18.30
N GLU A 54 -3.74 10.98 -17.75
CA GLU A 54 -2.99 10.02 -18.52
C GLU A 54 -3.80 8.76 -18.81
N LEU A 55 -4.56 8.27 -17.82
CA LEU A 55 -5.16 6.94 -17.86
C LEU A 55 -6.67 7.04 -18.04
N PRO A 56 -7.20 6.68 -19.19
CA PRO A 56 -8.65 6.48 -19.29
C PRO A 56 -9.05 5.37 -18.34
N GLY A 57 -10.08 5.60 -17.59
CA GLY A 57 -10.45 4.59 -16.61
C GLY A 57 -9.95 4.88 -15.21
N ALA A 58 -9.06 5.85 -15.04
CA ALA A 58 -8.65 6.33 -13.72
C ALA A 58 -9.11 7.76 -13.50
N VAL A 59 -9.58 8.04 -12.29
CA VAL A 59 -9.96 9.39 -11.90
C VAL A 59 -9.31 9.69 -10.57
N PHE A 60 -9.13 10.97 -10.29
CA PHE A 60 -8.47 11.44 -9.09
C PHE A 60 -9.45 12.07 -8.12
N ILE A 61 -9.38 11.66 -6.84
CA ILE A 61 -10.13 12.30 -5.77
C ILE A 61 -9.13 12.72 -4.69
N LEU A 62 -9.05 14.01 -4.43
CA LEU A 62 -8.24 14.52 -3.33
C LEU A 62 -8.79 14.02 -2.01
N CYS A 63 -7.93 13.38 -1.21
CA CYS A 63 -8.37 12.74 0.03
C CYS A 63 -7.16 12.43 0.89
N ASP A 64 -7.18 12.99 2.09
CA ASP A 64 -6.19 12.70 3.13
C ASP A 64 -6.78 11.60 4.00
N VAL A 65 -6.16 10.43 3.98
CA VAL A 65 -6.75 9.27 4.65
C VAL A 65 -6.75 9.40 6.16
N THR A 66 -6.05 10.38 6.71
CA THR A 66 -6.10 10.63 8.14
C THR A 66 -7.31 11.47 8.54
N GLN A 67 -8.10 11.93 7.58
CA GLN A 67 -9.23 12.82 7.83
C GLN A 67 -10.49 12.04 7.52
N GLU A 68 -11.23 11.66 8.56
CA GLU A 68 -12.34 10.74 8.37
C GLU A 68 -13.37 11.28 7.38
N ASP A 69 -13.59 12.60 7.36
CA ASP A 69 -14.59 13.16 6.46
C ASP A 69 -14.11 13.15 5.01
N ASP A 70 -12.80 13.31 4.78
CA ASP A 70 -12.23 13.05 3.45
C ASP A 70 -12.54 11.61 3.00
N VAL A 71 -12.32 10.64 3.88
CA VAL A 71 -12.48 9.24 3.49
C VAL A 71 -13.95 8.91 3.26
N LYS A 72 -14.83 9.45 4.10
CA LYS A 72 -16.27 9.31 3.87
C LYS A 72 -16.65 9.79 2.48
N THR A 73 -16.18 10.97 2.14
CA THR A 73 -16.48 11.54 0.83
C THR A 73 -15.85 10.70 -0.28
N LEU A 74 -14.64 10.17 -0.05
CA LEU A 74 -14.00 9.27 -1.02
C LEU A 74 -14.92 8.12 -1.37
N VAL A 75 -15.43 7.43 -0.35
CA VAL A 75 -16.28 6.26 -0.59
C VAL A 75 -17.58 6.70 -1.25
N SER A 76 -18.22 7.75 -0.74
CA SER A 76 -19.52 8.13 -1.30
C SER A 76 -19.37 8.65 -2.73
N GLU A 77 -18.28 9.35 -3.05
CA GLU A 77 -18.05 9.76 -4.43
C GLU A 77 -17.75 8.58 -5.35
N THR A 78 -17.00 7.58 -4.88
CA THR A 78 -16.73 6.39 -5.70
C THR A 78 -18.05 5.70 -6.07
N ILE A 79 -18.91 5.51 -5.09
CA ILE A 79 -20.19 4.86 -5.32
C ILE A 79 -21.08 5.74 -6.20
N ARG A 80 -21.07 7.06 -5.97
CA ARG A 80 -21.92 7.95 -6.78
C ARG A 80 -21.50 7.94 -8.23
N ARG A 81 -20.20 7.93 -8.48
CA ARG A 81 -19.70 7.99 -9.84
C ARG A 81 -19.62 6.63 -10.55
N PHE A 82 -19.40 5.52 -9.83
CA PHE A 82 -19.19 4.22 -10.49
C PHE A 82 -20.13 3.11 -10.05
N GLY A 83 -20.97 3.32 -9.03
CA GLY A 83 -22.04 2.39 -8.76
C GLY A 83 -21.66 1.12 -8.01
N ARG A 84 -20.39 0.92 -7.65
CA ARG A 84 -19.98 -0.29 -6.98
C ARG A 84 -18.57 -0.05 -6.48
N LEU A 85 -18.13 -0.95 -5.62
CA LEU A 85 -16.75 -0.92 -5.13
C LEU A 85 -16.32 -2.35 -4.87
N ASP A 86 -15.24 -2.78 -5.55
CA ASP A 86 -14.78 -4.14 -5.55
C ASP A 86 -13.48 -4.36 -4.81
N CYS A 87 -12.64 -3.35 -4.71
CA CYS A 87 -11.34 -3.59 -4.08
C CYS A 87 -10.82 -2.27 -3.54
N VAL A 88 -10.29 -2.32 -2.33
CA VAL A 88 -9.61 -1.18 -1.72
C VAL A 88 -8.15 -1.55 -1.51
N VAL A 89 -7.25 -0.73 -2.02
CA VAL A 89 -5.81 -0.94 -1.84
C VAL A 89 -5.33 0.17 -0.92
N ASN A 90 -4.93 -0.20 0.31
CA ASN A 90 -4.53 0.75 1.33
C ASN A 90 -3.02 0.86 1.24
N ASN A 91 -2.58 1.78 0.40
CA ASN A 91 -1.18 1.97 0.08
C ASN A 91 -0.61 3.22 0.73
N ALA A 92 -1.43 4.25 0.98
CA ALA A 92 -0.92 5.48 1.60
C ALA A 92 -0.18 5.17 2.90
N GLY A 93 1.00 5.75 3.03
CA GLY A 93 1.86 5.51 4.17
C GLY A 93 3.15 6.28 3.97
N HIS A 94 3.97 6.30 5.02
CA HIS A 94 5.20 7.08 5.03
C HIS A 94 6.26 6.34 5.82
N HIS A 95 7.51 6.42 5.38
CA HIS A 95 8.64 5.98 6.18
C HIS A 95 9.41 7.22 6.59
N PRO A 96 9.49 7.53 7.86
CA PRO A 96 10.28 8.68 8.29
C PRO A 96 11.76 8.45 8.05
N PRO A 97 12.58 9.49 8.11
CA PRO A 97 14.01 9.29 8.08
C PRO A 97 14.46 8.38 9.21
N PRO A 98 15.59 7.71 9.03
CA PRO A 98 16.18 6.92 10.11
C PRO A 98 16.22 7.72 11.42
N GLN A 99 15.75 7.10 12.50
CA GLN A 99 15.72 7.73 13.80
C GLN A 99 16.10 6.71 14.85
N ARG A 100 17.10 7.07 15.63
CA ARG A 100 17.46 6.24 16.78
C ARG A 100 16.28 6.21 17.75
N PRO A 101 16.13 5.14 18.51
CA PRO A 101 14.99 5.04 19.42
C PRO A 101 14.88 6.27 20.33
N GLU A 102 16.00 6.74 20.87
CA GLU A 102 15.92 7.87 21.78
C GLU A 102 15.59 9.17 21.08
N GLU A 103 15.67 9.22 19.75
CA GLU A 103 15.29 10.41 18.99
C GLU A 103 13.83 10.38 18.55
N THR A 104 13.10 9.32 18.84
CA THR A 104 11.67 9.27 18.55
C THR A 104 10.89 9.91 19.70
N SER A 105 9.63 10.21 19.41
CA SER A 105 8.70 10.72 20.40
C SER A 105 7.39 9.96 20.31
N ALA A 106 6.70 9.88 21.45
CA ALA A 106 5.35 9.34 21.45
C ALA A 106 4.48 10.07 20.44
N GLN A 107 4.66 11.38 20.29
CA GLN A 107 3.76 12.13 19.42
C GLN A 107 4.03 11.84 17.95
N GLY A 108 5.31 11.75 17.56
CA GLY A 108 5.63 11.31 16.21
C GLY A 108 5.09 9.91 15.92
N PHE A 109 5.20 9.01 16.91
CA PHE A 109 4.71 7.65 16.78
C PHE A 109 3.19 7.66 16.57
N ARG A 110 2.46 8.47 17.35
CA ARG A 110 1.02 8.60 17.16
C ARG A 110 0.69 9.09 15.76
N GLN A 111 1.39 10.11 15.27
CA GLN A 111 1.11 10.62 13.95
C GLN A 111 1.37 9.56 12.88
N LEU A 112 2.44 8.78 13.03
CA LEU A 112 2.70 7.73 12.04
C LEU A 112 1.64 6.64 12.11
N LEU A 113 1.21 6.29 13.32
CA LEU A 113 0.09 5.36 13.44
C LEU A 113 -1.14 5.92 12.74
N GLU A 114 -1.38 7.25 12.83
CA GLU A 114 -2.57 7.82 12.17
C GLU A 114 -2.56 7.56 10.69
N LEU A 115 -1.40 7.68 10.05
CA LEU A 115 -1.35 7.47 8.61
C LEU A 115 -1.30 5.99 8.25
N ASN A 116 -0.25 5.30 8.70
CA ASN A 116 0.04 3.95 8.21
C ASN A 116 -0.97 2.93 8.70
N LEU A 117 -1.56 3.13 9.88
CA LEU A 117 -2.46 2.14 10.47
C LEU A 117 -3.91 2.61 10.48
N LEU A 118 -4.21 3.75 11.10
CA LEU A 118 -5.59 4.15 11.26
C LEU A 118 -6.23 4.62 9.95
N GLY A 119 -5.46 5.15 8.99
CA GLY A 119 -6.06 5.52 7.71
C GLY A 119 -6.49 4.30 6.91
N THR A 120 -5.67 3.25 6.95
CA THR A 120 -6.05 1.94 6.41
C THR A 120 -7.31 1.41 7.10
N TYR A 121 -7.33 1.48 8.42
CA TYR A 121 -8.50 1.05 9.17
C TYR A 121 -9.77 1.81 8.74
N THR A 122 -9.67 3.14 8.62
CA THR A 122 -10.85 3.96 8.39
C THR A 122 -11.44 3.72 7.00
N LEU A 123 -10.60 3.71 5.96
CA LEU A 123 -11.12 3.42 4.62
C LEU A 123 -11.68 2.01 4.57
N THR A 124 -10.97 1.03 5.14
CA THR A 124 -11.49 -0.33 5.09
C THR A 124 -12.87 -0.39 5.73
N LYS A 125 -13.02 0.21 6.91
CA LYS A 125 -14.29 0.22 7.61
C LYS A 125 -15.41 0.86 6.77
N LEU A 126 -15.13 2.01 6.18
CA LEU A 126 -16.16 2.68 5.40
C LEU A 126 -16.48 1.94 4.12
N ALA A 127 -15.52 1.20 3.56
CA ALA A 127 -15.73 0.48 2.31
C ALA A 127 -16.39 -0.87 2.51
N LEU A 128 -16.30 -1.46 3.71
CA LEU A 128 -16.74 -2.84 3.85
C LEU A 128 -18.20 -3.07 3.50
N PRO A 129 -19.16 -2.18 3.83
CA PRO A 129 -20.55 -2.42 3.39
C PRO A 129 -20.68 -2.66 1.90
N TYR A 130 -19.93 -1.92 1.09
CA TYR A 130 -19.97 -2.07 -0.36
C TYR A 130 -19.17 -3.28 -0.84
N LEU A 131 -18.05 -3.61 -0.19
CA LEU A 131 -17.29 -4.80 -0.54
C LEU A 131 -18.10 -6.06 -0.26
N ARG A 132 -18.93 -6.04 0.78
CA ARG A 132 -19.80 -7.18 1.05
C ARG A 132 -20.78 -7.38 -0.08
N LYS A 133 -21.33 -6.28 -0.61
CA LYS A 133 -22.31 -6.39 -1.69
C LYS A 133 -21.68 -6.95 -2.95
N SER A 134 -20.40 -6.66 -3.19
CA SER A 134 -19.69 -7.09 -4.38
C SER A 134 -18.86 -8.34 -4.19
N GLN A 135 -18.82 -8.90 -2.96
CA GLN A 135 -17.86 -9.92 -2.57
C GLN A 135 -16.47 -9.51 -3.00
N GLY A 136 -16.14 -8.26 -2.67
CA GLY A 136 -14.87 -7.66 -3.02
C GLY A 136 -13.79 -8.06 -2.04
N ASN A 137 -12.71 -7.29 -2.06
CA ASN A 137 -11.56 -7.64 -1.24
C ASN A 137 -10.77 -6.40 -0.88
N VAL A 138 -9.96 -6.56 0.17
CA VAL A 138 -9.05 -5.53 0.70
C VAL A 138 -7.62 -5.99 0.50
N ILE A 139 -6.76 -5.08 0.03
CA ILE A 139 -5.33 -5.32 -0.09
C ILE A 139 -4.62 -4.21 0.69
N ASN A 140 -3.92 -4.57 1.77
CA ASN A 140 -3.11 -3.60 2.49
C ASN A 140 -1.65 -3.72 2.07
N ILE A 141 -1.00 -2.57 1.95
CA ILE A 141 0.42 -2.51 1.64
C ILE A 141 1.14 -2.32 2.97
N SER A 142 1.72 -3.40 3.45
CA SER A 142 2.48 -3.40 4.70
C SER A 142 3.96 -3.22 4.36
N SER A 143 4.87 -4.00 4.94
CA SER A 143 6.28 -3.96 4.63
C SER A 143 6.91 -5.21 5.19
N LEU A 144 7.95 -5.70 4.49
CA LEU A 144 8.79 -6.75 5.02
C LEU A 144 9.31 -6.39 6.42
N VAL A 145 9.62 -5.11 6.68
CA VAL A 145 10.27 -4.84 7.95
C VAL A 145 9.30 -4.94 9.12
N GLY A 146 7.99 -4.97 8.84
CA GLY A 146 7.06 -5.37 9.89
C GLY A 146 7.31 -6.76 10.42
N ALA A 147 7.81 -7.66 9.55
CA ALA A 147 8.02 -9.06 9.89
C ALA A 147 9.40 -9.33 10.45
N ILE A 148 10.44 -8.66 9.94
CA ILE A 148 11.81 -8.99 10.33
C ILE A 148 12.51 -7.85 11.06
N GLY A 149 11.91 -6.67 11.12
CA GLY A 149 12.52 -5.52 11.76
C GLY A 149 13.43 -4.74 10.83
N GLN A 150 13.83 -3.56 11.30
CA GLN A 150 14.72 -2.66 10.59
C GLN A 150 15.36 -1.76 11.63
N ALA A 151 16.60 -1.37 11.37
CA ALA A 151 17.28 -0.47 12.28
C ALA A 151 16.78 0.97 12.10
N GLN A 152 16.84 1.72 13.20
CA GLN A 152 16.50 3.14 13.22
C GLN A 152 15.11 3.42 12.67
N ALA A 153 14.13 2.60 13.05
CA ALA A 153 12.78 2.75 12.50
C ALA A 153 11.71 2.16 13.42
N VAL A 154 11.88 2.28 14.71
CA VAL A 154 10.94 1.66 15.64
C VAL A 154 9.49 2.02 15.33
N PRO A 155 9.13 3.30 15.13
CA PRO A 155 7.72 3.60 14.86
C PRO A 155 7.23 2.99 13.55
N TYR A 156 8.02 3.12 12.47
CA TYR A 156 7.59 2.57 11.19
C TYR A 156 7.38 1.06 11.28
N VAL A 157 8.37 0.34 11.82
CA VAL A 157 8.25 -1.12 11.94
C VAL A 157 7.00 -1.48 12.73
N ALA A 158 6.76 -0.78 13.85
CA ALA A 158 5.58 -1.05 14.66
C ALA A 158 4.28 -0.88 13.85
N THR A 159 4.16 0.22 13.08
CA THR A 159 2.95 0.44 12.28
C THR A 159 2.73 -0.67 11.27
N LYS A 160 3.81 -1.22 10.68
CA LYS A 160 3.63 -2.24 9.65
C LYS A 160 3.38 -3.61 10.28
N GLY A 161 3.95 -3.88 11.46
CA GLY A 161 3.55 -5.06 12.19
C GLY A 161 2.07 -5.02 12.49
N ALA A 162 1.56 -3.84 12.82
CA ALA A 162 0.13 -3.65 13.11
C ALA A 162 -0.72 -3.92 11.88
N VAL A 163 -0.30 -3.38 10.72
CA VAL A 163 -1.06 -3.59 9.49
C VAL A 163 -1.13 -5.06 9.12
N THR A 164 0.00 -5.76 9.20
CA THR A 164 0.00 -7.17 8.84
C THR A 164 -0.89 -7.98 9.77
N ALA A 165 -0.81 -7.72 11.07
CA ALA A 165 -1.67 -8.44 12.00
C ALA A 165 -3.14 -8.11 11.76
N MET A 166 -3.46 -6.82 11.58
CA MET A 166 -4.84 -6.38 11.36
C MET A 166 -5.43 -7.07 10.14
N THR A 167 -4.63 -7.24 9.10
CA THR A 167 -5.03 -7.97 7.90
C THR A 167 -5.56 -9.36 8.24
N LYS A 168 -4.87 -10.07 9.14
CA LYS A 168 -5.29 -11.43 9.48
C LYS A 168 -6.58 -11.43 10.30
N ALA A 169 -6.66 -10.54 11.30
CA ALA A 169 -7.87 -10.35 12.11
C ALA A 169 -9.09 -10.04 11.24
N LEU A 170 -8.94 -9.09 10.34
CA LEU A 170 -10.06 -8.70 9.47
C LEU A 170 -10.45 -9.83 8.51
N ALA A 171 -9.46 -10.55 7.98
CA ALA A 171 -9.75 -11.70 7.14
C ALA A 171 -10.67 -12.66 7.90
N LEU A 172 -10.35 -12.92 9.17
CA LEU A 172 -11.22 -13.81 9.95
C LEU A 172 -12.63 -13.25 10.04
N ASP A 173 -12.76 -11.97 10.37
CA ASP A 173 -14.08 -11.40 10.60
C ASP A 173 -14.90 -11.32 9.33
N GLU A 174 -14.27 -11.10 8.19
CA GLU A 174 -15.02 -10.86 6.96
C GLU A 174 -15.19 -12.12 6.11
N SER A 175 -14.50 -13.22 6.44
CA SER A 175 -14.64 -14.45 5.67
C SER A 175 -16.07 -14.96 5.59
N PRO A 176 -16.89 -14.88 6.65
CA PRO A 176 -18.29 -15.33 6.51
C PRO A 176 -19.06 -14.55 5.46
N TYR A 177 -18.60 -13.35 5.12
CA TYR A 177 -19.29 -12.50 4.16
C TYR A 177 -18.66 -12.60 2.79
N GLY A 178 -17.67 -13.47 2.61
CA GLY A 178 -17.07 -13.64 1.31
C GLY A 178 -16.12 -12.54 0.90
N VAL A 179 -15.69 -11.69 1.84
CA VAL A 179 -14.74 -10.61 1.57
C VAL A 179 -13.37 -11.09 2.04
N ARG A 180 -12.43 -11.18 1.11
CA ARG A 180 -11.05 -11.54 1.42
C ARG A 180 -10.26 -10.28 1.78
N VAL A 181 -9.28 -10.46 2.66
CA VAL A 181 -8.43 -9.38 3.16
C VAL A 181 -7.00 -9.91 3.17
N ASN A 182 -6.12 -9.29 2.38
CA ASN A 182 -4.75 -9.78 2.23
C ASN A 182 -3.82 -8.58 2.30
N CYS A 183 -2.54 -8.85 2.53
CA CYS A 183 -1.57 -7.79 2.44
C CYS A 183 -0.39 -8.19 1.55
N ILE A 184 0.28 -7.14 1.08
CA ILE A 184 1.54 -7.27 0.37
C ILE A 184 2.60 -6.61 1.24
N SER A 185 3.72 -7.29 1.41
CA SER A 185 4.85 -6.79 2.18
C SER A 185 5.99 -6.62 1.20
N PRO A 186 6.12 -5.43 0.62
CA PRO A 186 7.27 -5.16 -0.24
C PRO A 186 8.52 -4.99 0.58
N GLY A 187 9.66 -5.31 -0.06
CA GLY A 187 10.96 -4.92 0.44
C GLY A 187 11.37 -3.63 -0.24
N ASN A 188 12.65 -3.49 -0.58
CA ASN A 188 13.14 -2.26 -1.18
C ASN A 188 12.52 -2.09 -2.57
N ILE A 189 11.63 -1.11 -2.70
CA ILE A 189 11.05 -0.73 -3.98
C ILE A 189 11.55 0.66 -4.35
N TRP A 190 12.01 0.82 -5.59
CA TRP A 190 12.54 2.10 -6.02
C TRP A 190 11.39 3.05 -6.32
N THR A 191 11.20 4.02 -5.46
CA THR A 191 10.12 5.00 -5.48
C THR A 191 10.62 6.38 -5.10
N PRO A 192 9.79 7.41 -5.23
CA PRO A 192 10.22 8.73 -4.77
C PRO A 192 10.52 8.79 -3.28
N LEU A 193 9.84 8.00 -2.46
CA LEU A 193 10.17 7.96 -1.04
C LEU A 193 11.57 7.42 -0.84
N TRP A 194 11.89 6.30 -1.51
CA TRP A 194 13.23 5.73 -1.39
C TRP A 194 14.26 6.76 -1.81
N GLU A 195 14.01 7.45 -2.92
CA GLU A 195 14.95 8.45 -3.42
C GLU A 195 15.11 9.60 -2.42
N GLU A 196 14.00 10.07 -1.81
CA GLU A 196 14.06 11.14 -0.82
C GLU A 196 14.83 10.73 0.43
N LEU A 197 14.55 9.54 0.97
CA LEU A 197 15.32 9.07 2.12
C LEU A 197 16.78 8.99 1.80
N ALA A 198 17.13 8.41 0.65
CA ALA A 198 18.55 8.30 0.31
C ALA A 198 19.20 9.68 0.24
N ALA A 199 18.50 10.67 -0.30
CA ALA A 199 19.10 12.01 -0.45
C ALA A 199 19.47 12.67 0.88
N LEU A 200 18.87 12.24 1.99
CA LEU A 200 19.21 12.76 3.32
C LEU A 200 20.50 12.17 3.87
N MET A 201 21.01 11.09 3.28
CA MET A 201 22.13 10.37 3.85
C MET A 201 23.46 11.03 3.50
N PRO A 202 24.51 10.74 4.28
CA PRO A 202 25.86 11.21 3.95
C PRO A 202 26.28 10.91 2.52
N ASP A 203 26.27 9.63 2.13
CA ASP A 203 26.51 9.25 0.74
C ASP A 203 25.21 8.66 0.22
N PRO A 204 24.38 9.42 -0.49
CA PRO A 204 23.15 8.85 -1.06
C PRO A 204 23.41 7.71 -2.03
N ARG A 205 24.44 7.87 -2.88
CA ARG A 205 24.74 6.86 -3.89
C ARG A 205 25.11 5.54 -3.26
N ALA A 206 25.88 5.58 -2.16
CA ALA A 206 26.22 4.36 -1.45
C ALA A 206 24.99 3.77 -0.77
N THR A 207 24.11 4.61 -0.24
CA THR A 207 22.88 4.12 0.37
C THR A 207 22.05 3.34 -0.65
N ILE A 208 22.00 3.85 -1.88
CA ILE A 208 21.25 3.18 -2.94
C ILE A 208 21.93 1.90 -3.37
N ARG A 209 23.26 1.92 -3.49
CA ARG A 209 23.96 0.69 -3.82
C ARG A 209 23.70 -0.38 -2.77
N GLU A 210 23.75 0.03 -1.49
CA GLU A 210 23.44 -0.89 -0.40
C GLU A 210 22.03 -1.46 -0.56
N GLY A 211 21.06 -0.60 -0.88
CA GLY A 211 19.68 -1.05 -1.02
C GLY A 211 19.52 -2.07 -2.13
N MET A 212 20.19 -1.85 -3.27
CA MET A 212 20.15 -2.82 -4.36
C MET A 212 20.72 -4.17 -3.94
N LEU A 213 21.85 -4.17 -3.26
CA LEU A 213 22.51 -5.41 -2.92
C LEU A 213 21.92 -6.10 -1.71
N ALA A 214 20.95 -5.47 -1.03
CA ALA A 214 20.26 -6.09 0.08
C ALA A 214 19.40 -7.26 -0.36
N GLN A 215 19.13 -7.39 -1.68
CA GLN A 215 18.31 -8.44 -2.23
C GLN A 215 19.19 -9.44 -2.94
N PRO A 216 18.95 -10.74 -2.77
CA PRO A 216 19.65 -11.72 -3.63
C PRO A 216 19.52 -11.46 -5.11
N LEU A 217 18.40 -10.88 -5.56
CA LEU A 217 18.26 -10.59 -6.97
C LEU A 217 19.11 -9.41 -7.43
N GLY A 218 19.72 -8.67 -6.52
CA GLY A 218 20.69 -7.66 -6.87
C GLY A 218 20.12 -6.36 -7.38
N ARG A 219 18.82 -6.15 -7.24
CA ARG A 219 18.20 -4.91 -7.65
C ARG A 219 17.07 -4.64 -6.67
N MET A 220 16.58 -3.41 -6.71
CA MET A 220 15.36 -3.07 -6.02
C MET A 220 14.16 -3.46 -6.88
N GLY A 221 13.00 -3.50 -6.24
CA GLY A 221 11.76 -3.80 -6.92
C GLY A 221 11.18 -2.58 -7.60
N GLN A 222 10.17 -2.83 -8.43
CA GLN A 222 9.50 -1.79 -9.17
C GLN A 222 8.05 -1.67 -8.72
N PRO A 223 7.48 -0.47 -8.74
CA PRO A 223 6.04 -0.34 -8.46
C PRO A 223 5.17 -1.28 -9.27
N ALA A 224 5.54 -1.53 -10.54
CA ALA A 224 4.77 -2.41 -11.40
C ALA A 224 4.71 -3.84 -10.87
N GLU A 225 5.77 -4.28 -10.18
CA GLU A 225 5.79 -5.62 -9.61
C GLU A 225 4.87 -5.69 -8.40
N VAL A 226 4.83 -4.64 -7.60
CA VAL A 226 3.84 -4.62 -6.53
C VAL A 226 2.44 -4.56 -7.11
N GLY A 227 2.27 -3.80 -8.19
CA GLY A 227 0.98 -3.75 -8.87
C GLY A 227 0.52 -5.10 -9.37
N ALA A 228 1.42 -5.89 -9.94
CA ALA A 228 1.00 -7.20 -10.45
C ALA A 228 0.56 -8.11 -9.32
N ALA A 229 1.27 -8.04 -8.20
CA ALA A 229 0.86 -8.80 -7.02
C ALA A 229 -0.52 -8.38 -6.55
N ALA A 230 -0.82 -7.08 -6.58
CA ALA A 230 -2.14 -6.62 -6.14
C ALA A 230 -3.23 -7.11 -7.07
N VAL A 231 -2.99 -7.07 -8.38
CA VAL A 231 -4.00 -7.54 -9.33
C VAL A 231 -4.22 -9.04 -9.15
N PHE A 232 -3.13 -9.79 -8.92
CA PHE A 232 -3.27 -11.21 -8.59
C PHE A 232 -4.18 -11.41 -7.38
N LEU A 233 -3.88 -10.73 -6.26
CA LEU A 233 -4.71 -10.88 -5.06
C LEU A 233 -6.18 -10.53 -5.29
N ALA A 234 -6.45 -9.47 -6.05
CA ALA A 234 -7.82 -9.03 -6.29
C ALA A 234 -8.55 -10.00 -7.21
N SER A 235 -7.89 -10.41 -8.29
CA SER A 235 -8.62 -10.99 -9.42
C SER A 235 -8.52 -12.51 -9.52
N GLU A 236 -7.48 -13.13 -8.94
CA GLU A 236 -7.21 -14.54 -9.17
C GLU A 236 -6.89 -15.34 -7.91
N ALA A 237 -6.90 -14.73 -6.75
CA ALA A 237 -6.53 -15.45 -5.53
C ALA A 237 -7.75 -15.74 -4.68
N ASN A 238 -8.75 -16.40 -5.27
CA ASN A 238 -10.04 -16.51 -4.61
C ASN A 238 -10.02 -17.40 -3.38
N PHE A 239 -8.99 -18.17 -3.17
CA PHE A 239 -8.84 -19.00 -1.97
C PHE A 239 -7.77 -18.45 -1.05
N CYS A 240 -7.30 -17.23 -1.29
CA CYS A 240 -6.33 -16.58 -0.41
C CYS A 240 -7.03 -15.54 0.45
N THR A 241 -6.92 -15.70 1.76
CA THR A 241 -7.34 -14.62 2.62
C THR A 241 -6.42 -14.62 3.83
N GLY A 242 -6.10 -13.42 4.31
CA GLY A 242 -5.23 -13.29 5.46
C GLY A 242 -3.77 -13.56 5.17
N ILE A 243 -3.36 -13.58 3.89
CA ILE A 243 -1.97 -13.91 3.57
C ILE A 243 -1.15 -12.64 3.53
N GLU A 244 0.15 -12.83 3.66
CA GLU A 244 1.15 -11.78 3.53
C GLU A 244 1.99 -12.16 2.32
N LEU A 245 1.80 -11.45 1.22
CA LEU A 245 2.51 -11.74 -0.02
C LEU A 245 3.79 -10.92 -0.08
N LEU A 246 4.95 -11.59 0.03
CA LEU A 246 6.24 -10.92 0.04
C LEU A 246 6.70 -10.57 -1.38
N VAL A 247 7.04 -9.31 -1.61
CA VAL A 247 7.56 -8.81 -2.87
C VAL A 247 8.86 -8.08 -2.53
N THR A 248 9.91 -8.86 -2.31
CA THR A 248 11.11 -8.40 -1.60
C THR A 248 12.40 -8.76 -2.32
N GLY A 249 12.34 -9.48 -3.43
CA GLY A 249 13.56 -9.95 -4.09
C GLY A 249 14.40 -10.90 -3.25
N GLY A 250 13.81 -11.54 -2.23
CA GLY A 250 14.55 -12.45 -1.38
C GLY A 250 15.31 -11.84 -0.22
N ALA A 251 15.03 -10.59 0.14
CA ALA A 251 15.83 -9.91 1.19
C ALA A 251 15.78 -10.66 2.51
N GLU A 252 14.67 -11.35 2.79
CA GLU A 252 14.52 -12.02 4.08
C GLU A 252 15.26 -13.35 4.16
N LEU A 253 15.77 -13.86 3.04
CA LEU A 253 16.47 -15.14 2.98
C LEU A 253 17.92 -15.00 3.44
N GLY A 254 18.39 -16.00 4.16
CA GLY A 254 19.79 -16.09 4.53
C GLY A 254 20.22 -15.01 5.51
N TYR A 255 21.53 -15.04 5.76
CA TYR A 255 22.34 -14.20 6.63
C TYR A 255 22.94 -13.02 5.87
N GLY A 256 23.35 -11.99 6.62
CA GLY A 256 23.95 -10.81 6.01
C GLY A 256 24.95 -10.09 6.89
N PRO A 271 35.60 -15.55 19.53
CA PRO A 271 34.56 -15.46 18.49
C PRO A 271 33.16 -15.55 19.08
N SER A 272 33.05 -16.23 20.22
CA SER A 272 31.78 -16.43 20.92
C SER A 272 31.67 -15.60 22.20
N GLY A 273 32.47 -14.53 22.33
CA GLY A 273 32.51 -13.72 23.55
C GLY A 273 32.00 -12.29 23.41
#